data_2AEX
#
_entry.id   2AEX
#
_cell.length_a   112.741
_cell.length_b   112.741
_cell.length_c   112.741
_cell.angle_alpha   90.00
_cell.angle_beta   90.00
_cell.angle_gamma   90.00
#
_symmetry.space_group_name_H-M   'P 2 3'
#
loop_
_entity.id
_entity.type
_entity.pdbx_description
1 polymer 'Coproporphyrinogen III oxidase, mitochondrial'
2 non-polymer 'CITRIC ACID'
3 water water
#
_entity_poly.entity_id   1
_entity_poly.type   'polypeptide(L)'
_entity_poly.pdbx_seq_one_letter_code
;GSTSLGRPEEEEDELAHRCSSFMAPPVTDLGELRRRPGDMKTKMELLILETQAQVCQALAQVDGGANFSVDRWERKEGGG
GISCVLQDGCVFEKAGVSISVVHGNLSEEAAKQMRSRGKVLKTKDGKLPFCAMGVSSVIHPKNPHAPTIHFNYRYFEVEE
ADGNKQWWFGGGCDLTPTYLNQEDAVHFHRTLKEACDQHGPDLYPKFKKWCDDYFFIAHRGERRGIGGIFFDDLDSPSKE
EVFRFVQSCARAVVPSYIPLVKKHCDDSFTPQEKLWQQLRRGRYVEFNLLYDRGTKFGLFTPGSRIESILMSLPLTARWE
YMHSPSENSKEAEILEVLRHPRDWVR
;
_entity_poly.pdbx_strand_id   A
#
# COMPACT_ATOMS: atom_id res chain seq x y z
N GLU A 11 20.47 -26.85 -13.80
CA GLU A 11 19.71 -26.06 -12.78
C GLU A 11 19.10 -24.82 -13.42
N GLU A 12 17.89 -24.46 -12.98
CA GLU A 12 17.21 -23.28 -13.52
C GLU A 12 18.00 -22.00 -13.23
N ASP A 13 18.01 -21.10 -14.20
CA ASP A 13 18.63 -19.78 -14.03
C ASP A 13 17.92 -19.03 -12.90
N GLU A 14 18.70 -18.39 -12.03
CA GLU A 14 18.16 -17.72 -10.85
C GLU A 14 17.11 -16.67 -11.21
N LEU A 15 17.40 -15.82 -12.20
CA LEU A 15 16.45 -14.78 -12.60
C LEU A 15 15.24 -15.39 -13.29
N ALA A 16 15.46 -16.39 -14.14
CA ALA A 16 14.34 -17.05 -14.82
C ALA A 16 13.42 -17.71 -13.80
N HIS A 17 14.01 -18.31 -12.77
CA HIS A 17 13.21 -18.96 -11.74
C HIS A 17 12.35 -17.94 -11.02
N ARG A 18 12.96 -16.81 -10.64
CA ARG A 18 12.22 -15.71 -10.02
C ARG A 18 11.04 -15.29 -10.89
N CYS A 19 11.28 -15.13 -12.17
CA CYS A 19 10.28 -14.56 -13.07
C CYS A 19 9.10 -15.49 -13.36
N SER A 20 9.33 -16.80 -13.27
CA SER A 20 8.27 -17.79 -13.46
C SER A 20 7.22 -17.73 -12.36
N SER A 21 7.58 -17.13 -11.24
CA SER A 21 6.70 -17.00 -10.10
C SER A 21 5.90 -15.69 -10.12
N PHE A 22 6.18 -14.79 -11.07
CA PHE A 22 5.46 -13.49 -11.12
C PHE A 22 4.11 -13.60 -11.80
N MET A 23 3.27 -12.60 -11.60
CA MET A 23 1.93 -12.60 -12.19
C MET A 23 1.98 -12.43 -13.70
N ALA A 24 3.01 -11.73 -14.16
CA ALA A 24 3.26 -11.52 -15.59
C ALA A 24 4.71 -11.13 -15.73
N PRO A 25 5.25 -11.05 -16.97
CA PRO A 25 6.65 -10.64 -17.12
C PRO A 25 6.87 -9.22 -16.64
N PRO A 26 8.10 -8.90 -16.26
CA PRO A 26 8.41 -7.53 -15.84
C PRO A 26 8.04 -6.48 -16.87
N VAL A 27 7.77 -5.27 -16.38
CA VAL A 27 7.51 -4.12 -17.24
C VAL A 27 8.77 -3.79 -18.05
N THR A 28 9.91 -3.71 -17.38
CA THR A 28 11.17 -3.45 -18.04
C THR A 28 11.63 -4.67 -18.83
N ASP A 29 12.18 -4.43 -20.02
CA ASP A 29 12.81 -5.45 -20.85
C ASP A 29 13.72 -6.34 -19.99
N LEU A 30 13.53 -7.65 -20.10
CA LEU A 30 14.28 -8.59 -19.30
C LEU A 30 15.77 -8.50 -19.63
N GLY A 31 16.09 -8.17 -20.88
CA GLY A 31 17.49 -7.99 -21.29
C GLY A 31 18.19 -6.90 -20.51
N GLU A 32 17.43 -5.86 -20.14
CA GLU A 32 17.98 -4.75 -19.34
C GLU A 32 18.21 -5.15 -17.88
N LEU A 33 17.24 -5.85 -17.30
CA LEU A 33 17.37 -6.35 -15.94
C LEU A 33 18.56 -7.32 -15.82
N ARG A 34 18.74 -8.13 -16.86
N ARG A 34 18.76 -8.14 -16.84
CA ARG A 34 19.86 -9.09 -16.91
CA ARG A 34 19.89 -9.07 -16.83
C ARG A 34 21.23 -8.40 -16.95
C ARG A 34 21.25 -8.39 -16.92
N ARG A 35 21.30 -7.26 -17.61
CA ARG A 35 22.55 -6.52 -17.76
C ARG A 35 22.95 -5.80 -16.49
N ARG A 36 21.97 -5.45 -15.68
CA ARG A 36 22.22 -4.61 -14.52
C ARG A 36 21.61 -5.18 -13.24
N PRO A 37 22.08 -6.36 -12.83
CA PRO A 37 21.46 -7.00 -11.68
C PRO A 37 21.60 -6.24 -10.37
N GLY A 38 22.62 -5.40 -10.28
CA GLY A 38 22.93 -4.70 -9.05
C GLY A 38 22.35 -3.32 -8.95
N ASP A 39 21.69 -2.85 -10.01
CA ASP A 39 21.08 -1.51 -10.02
C ASP A 39 19.86 -1.53 -9.12
N MET A 40 19.67 -0.47 -8.33
CA MET A 40 18.51 -0.41 -7.45
C MET A 40 17.20 -0.47 -8.22
N LYS A 41 17.15 0.09 -9.44
CA LYS A 41 15.93 -0.05 -10.25
C LYS A 41 15.62 -1.52 -10.53
N THR A 42 16.65 -2.32 -10.78
CA THR A 42 16.44 -3.73 -11.01
C THR A 42 15.95 -4.43 -9.75
N LYS A 43 16.64 -4.18 -8.64
CA LYS A 43 16.33 -4.81 -7.36
C LYS A 43 14.92 -4.45 -6.91
N MET A 44 14.56 -3.19 -7.05
CA MET A 44 13.22 -2.78 -6.64
C MET A 44 12.13 -3.29 -7.58
N GLU A 45 12.38 -3.36 -8.91
CA GLU A 45 11.36 -3.91 -9.79
C GLU A 45 11.12 -5.37 -9.44
N LEU A 46 12.18 -6.11 -9.19
CA LEU A 46 12.00 -7.51 -8.83
C LEU A 46 11.27 -7.64 -7.49
N LEU A 47 11.54 -6.76 -6.55
CA LEU A 47 10.89 -6.80 -5.26
C LEU A 47 9.38 -6.57 -5.39
N ILE A 48 8.99 -5.56 -6.17
CA ILE A 48 7.57 -5.26 -6.33
C ILE A 48 6.84 -6.36 -7.07
N LEU A 49 7.49 -6.96 -8.07
CA LEU A 49 6.90 -8.10 -8.75
C LEU A 49 6.74 -9.30 -7.80
N GLU A 50 7.78 -9.57 -7.00
CA GLU A 50 7.72 -10.66 -6.01
C GLU A 50 6.59 -10.45 -5.01
N THR A 51 6.46 -9.22 -4.55
CA THR A 51 5.49 -8.88 -3.53
C THR A 51 4.07 -9.06 -4.11
N GLN A 52 3.87 -8.53 -5.32
CA GLN A 52 2.60 -8.67 -6.00
C GLN A 52 2.23 -10.15 -6.14
N ALA A 53 3.18 -10.97 -6.56
CA ALA A 53 2.92 -12.41 -6.74
C ALA A 53 2.63 -13.11 -5.42
N GLN A 54 3.41 -12.79 -4.40
CA GLN A 54 3.23 -13.42 -3.07
C GLN A 54 1.85 -13.11 -2.50
N VAL A 55 1.44 -11.85 -2.64
CA VAL A 55 0.15 -11.43 -2.14
C VAL A 55 -0.97 -12.05 -2.95
N CYS A 56 -0.91 -11.97 -4.29
CA CYS A 56 -1.96 -12.55 -5.11
C CYS A 56 -2.10 -14.04 -4.89
N GLN A 57 -0.95 -14.73 -4.77
CA GLN A 57 -0.99 -16.17 -4.56
C GLN A 57 -1.66 -16.51 -3.24
N ALA A 58 -1.36 -15.73 -2.20
CA ALA A 58 -1.95 -15.98 -0.88
C ALA A 58 -3.46 -15.73 -0.89
N LEU A 59 -3.87 -14.68 -1.59
CA LEU A 59 -5.29 -14.32 -1.71
C LEU A 59 -6.05 -15.35 -2.50
N ALA A 60 -5.47 -15.80 -3.62
CA ALA A 60 -6.08 -16.84 -4.45
C ALA A 60 -6.23 -18.18 -3.74
N GLN A 61 -5.30 -18.50 -2.85
N GLN A 61 -5.30 -18.51 -2.87
CA GLN A 61 -5.37 -19.74 -2.05
CA GLN A 61 -5.41 -19.74 -2.07
C GLN A 61 -6.53 -19.69 -1.06
C GLN A 61 -6.62 -19.66 -1.15
N VAL A 62 -6.81 -18.49 -0.54
CA VAL A 62 -7.89 -18.27 0.41
C VAL A 62 -9.25 -18.21 -0.29
N ASP A 63 -9.32 -17.57 -1.45
CA ASP A 63 -10.59 -17.33 -2.11
C ASP A 63 -10.77 -18.18 -3.36
N GLY A 64 -11.59 -19.23 -3.23
CA GLY A 64 -11.93 -20.11 -4.35
C GLY A 64 -13.05 -19.62 -5.25
N GLY A 65 -13.61 -18.45 -4.93
CA GLY A 65 -14.81 -17.94 -5.58
C GLY A 65 -14.62 -17.03 -6.79
N ALA A 66 -13.39 -16.60 -7.01
CA ALA A 66 -13.07 -15.70 -8.13
C ALA A 66 -11.62 -15.85 -8.53
N ASN A 67 -11.33 -15.46 -9.78
CA ASN A 67 -9.97 -15.51 -10.32
C ASN A 67 -9.45 -14.10 -10.45
N PHE A 68 -8.14 -13.95 -10.35
CA PHE A 68 -7.49 -12.70 -10.73
C PHE A 68 -7.50 -12.52 -12.24
N SER A 69 -7.89 -11.34 -12.68
CA SER A 69 -7.59 -10.88 -14.03
C SER A 69 -6.26 -10.13 -13.93
N VAL A 70 -5.33 -10.42 -14.83
CA VAL A 70 -3.98 -9.86 -14.80
C VAL A 70 -3.76 -9.09 -16.09
N ASP A 71 -3.59 -7.77 -15.96
CA ASP A 71 -3.46 -6.90 -17.12
C ASP A 71 -2.08 -6.26 -17.08
N ARG A 72 -1.17 -6.78 -17.91
CA ARG A 72 0.14 -6.18 -18.12
C ARG A 72 0.00 -5.20 -19.26
N TRP A 73 0.20 -3.92 -18.98
CA TRP A 73 -0.05 -2.81 -19.92
C TRP A 73 1.17 -1.90 -20.08
N GLU A 74 1.12 -1.09 -21.13
CA GLU A 74 2.15 -0.09 -21.38
C GLU A 74 1.56 1.13 -22.09
N ARG A 75 2.23 2.27 -21.90
CA ARG A 75 1.91 3.51 -22.61
C ARG A 75 3.20 4.23 -22.98
N LYS A 76 3.14 5.02 -24.05
CA LYS A 76 4.32 5.73 -24.55
C LYS A 76 4.86 6.76 -23.56
N GLU A 77 3.96 7.52 -22.95
CA GLU A 77 4.32 8.60 -22.01
C GLU A 77 4.18 8.18 -20.53
N GLY A 78 3.38 7.15 -20.28
CA GLY A 78 2.98 6.79 -18.91
C GLY A 78 3.55 5.48 -18.38
N GLY A 79 4.60 4.98 -19.01
CA GLY A 79 5.28 3.78 -18.52
C GLY A 79 4.49 2.52 -18.75
N GLY A 80 4.65 1.55 -17.85
CA GLY A 80 3.85 0.32 -17.91
C GLY A 80 3.54 -0.17 -16.53
N GLY A 81 2.77 -1.25 -16.47
CA GLY A 81 2.42 -1.83 -15.19
C GLY A 81 1.73 -3.17 -15.33
N ILE A 82 1.40 -3.75 -14.18
CA ILE A 82 0.66 -5.01 -14.14
C ILE A 82 -0.40 -4.80 -13.09
N SER A 83 -1.66 -4.82 -13.51
CA SER A 83 -2.78 -4.69 -12.60
C SER A 83 -3.47 -6.03 -12.42
N CYS A 84 -3.54 -6.51 -11.18
CA CYS A 84 -4.21 -7.75 -10.83
C CYS A 84 -5.44 -7.45 -10.01
N VAL A 85 -6.59 -7.89 -10.50
CA VAL A 85 -7.84 -7.55 -9.86
C VAL A 85 -8.67 -8.79 -9.66
N LEU A 86 -9.22 -8.92 -8.45
CA LEU A 86 -10.20 -9.93 -8.10
C LEU A 86 -11.47 -9.21 -7.61
N GLN A 87 -12.62 -9.71 -8.03
CA GLN A 87 -13.87 -9.07 -7.72
C GLN A 87 -14.95 -10.07 -7.33
N ASP A 88 -15.70 -9.73 -6.28
CA ASP A 88 -16.90 -10.47 -5.87
C ASP A 88 -16.63 -11.96 -5.67
N GLY A 89 -15.58 -12.26 -4.92
CA GLY A 89 -15.25 -13.64 -4.52
C GLY A 89 -16.02 -14.10 -3.29
N CYS A 90 -15.70 -15.30 -2.80
CA CYS A 90 -16.37 -15.80 -1.62
C CYS A 90 -15.75 -15.26 -0.34
N VAL A 91 -14.52 -14.76 -0.43
CA VAL A 91 -13.85 -14.17 0.73
C VAL A 91 -13.61 -12.69 0.52
N PHE A 92 -13.13 -12.30 -0.66
CA PHE A 92 -12.84 -10.90 -0.93
C PHE A 92 -13.86 -10.33 -1.90
N GLU A 93 -14.52 -9.25 -1.49
CA GLU A 93 -15.42 -8.55 -2.40
C GLU A 93 -14.64 -7.76 -3.47
N LYS A 94 -13.45 -7.30 -3.11
CA LYS A 94 -12.56 -6.60 -4.02
C LYS A 94 -11.16 -6.83 -3.53
N ALA A 95 -10.25 -7.13 -4.46
CA ALA A 95 -8.82 -7.15 -4.14
C ALA A 95 -8.07 -6.66 -5.34
N GLY A 96 -7.17 -5.71 -5.11
CA GLY A 96 -6.38 -5.15 -6.19
C GLY A 96 -4.94 -5.19 -5.76
N VAL A 97 -4.05 -5.66 -6.64
CA VAL A 97 -2.62 -5.56 -6.39
C VAL A 97 -1.97 -5.13 -7.69
N SER A 98 -1.44 -3.92 -7.71
N SER A 98 -1.39 -3.94 -7.70
CA SER A 98 -0.89 -3.34 -8.92
CA SER A 98 -0.92 -3.34 -8.94
C SER A 98 0.56 -3.00 -8.75
C SER A 98 0.49 -2.81 -8.82
N ILE A 99 1.29 -3.05 -9.85
CA ILE A 99 2.61 -2.44 -9.95
C ILE A 99 2.67 -1.50 -11.15
N SER A 100 3.48 -0.45 -10.99
CA SER A 100 3.76 0.52 -12.04
C SER A 100 5.25 0.78 -12.11
N VAL A 101 5.77 0.92 -13.33
CA VAL A 101 7.14 1.34 -13.57
C VAL A 101 7.11 2.40 -14.67
N VAL A 102 7.59 3.59 -14.36
CA VAL A 102 7.59 4.69 -15.32
C VAL A 102 8.99 5.21 -15.45
N HIS A 103 9.45 5.31 -16.69
CA HIS A 103 10.68 6.02 -17.01
C HIS A 103 10.33 7.25 -17.82
N GLY A 104 11.20 8.25 -17.74
CA GLY A 104 11.10 9.36 -18.64
C GLY A 104 11.90 10.54 -18.15
N ASN A 105 11.45 11.72 -18.56
CA ASN A 105 11.99 12.98 -18.08
C ASN A 105 10.87 13.68 -17.31
N LEU A 106 11.21 14.30 -16.19
CA LEU A 106 10.21 14.93 -15.35
C LEU A 106 9.54 16.07 -16.08
N SER A 107 8.20 16.09 -16.00
CA SER A 107 7.44 17.20 -16.56
C SER A 107 7.72 18.46 -15.74
N GLU A 108 7.63 19.61 -16.38
CA GLU A 108 7.83 20.89 -15.71
C GLU A 108 6.91 20.99 -14.51
N GLU A 109 5.67 20.53 -14.67
CA GLU A 109 4.68 20.53 -13.59
C GLU A 109 5.15 19.66 -12.41
N ALA A 110 5.53 18.43 -12.69
CA ALA A 110 6.05 17.51 -11.65
C ALA A 110 7.24 18.12 -10.93
N ALA A 111 8.20 18.62 -11.71
CA ALA A 111 9.38 19.31 -11.20
C ALA A 111 9.00 20.46 -10.27
N LYS A 112 8.10 21.33 -10.73
CA LYS A 112 7.63 22.48 -9.96
C LYS A 112 7.11 22.08 -8.58
N GLN A 113 6.28 21.04 -8.56
CA GLN A 113 5.68 20.55 -7.32
C GLN A 113 6.72 20.14 -6.28
N MET A 114 7.74 19.43 -6.73
CA MET A 114 8.83 18.98 -5.84
C MET A 114 9.57 20.15 -5.20
N ARG A 115 9.71 21.24 -5.95
CA ARG A 115 10.33 22.45 -5.42
C ARG A 115 9.51 23.01 -4.26
N SER A 116 8.18 22.97 -4.42
CA SER A 116 7.25 23.40 -3.36
C SER A 116 7.43 22.61 -2.06
N ARG A 117 7.73 21.32 -2.19
CA ARG A 117 8.01 20.46 -1.04
C ARG A 117 9.46 20.61 -0.55
N GLY A 118 10.19 21.56 -1.12
CA GLY A 118 11.56 21.87 -0.68
C GLY A 118 12.67 21.08 -1.36
N LYS A 119 12.34 20.38 -2.44
CA LYS A 119 13.32 19.59 -3.17
C LYS A 119 13.96 20.47 -4.23
N VAL A 120 15.26 20.35 -4.37
CA VAL A 120 16.02 21.18 -5.28
C VAL A 120 16.67 20.27 -6.32
N LEU A 121 16.22 20.39 -7.57
CA LEU A 121 16.74 19.58 -8.67
C LEU A 121 17.54 20.41 -9.65
N LYS A 122 18.75 19.92 -9.98
CA LYS A 122 19.64 20.55 -10.93
C LYS A 122 19.58 19.74 -12.23
N THR A 123 19.07 20.38 -13.30
CA THR A 123 18.83 19.69 -14.57
C THR A 123 20.11 19.16 -15.22
N LYS A 124 20.01 17.97 -15.81
CA LYS A 124 21.10 17.35 -16.57
C LYS A 124 20.80 17.59 -18.05
N ASP A 125 21.72 18.26 -18.74
CA ASP A 125 21.41 18.88 -20.03
C ASP A 125 20.28 19.89 -19.75
N GLY A 126 19.12 19.73 -20.38
CA GLY A 126 17.94 20.54 -20.03
C GLY A 126 16.90 19.72 -19.28
N LYS A 127 17.21 18.45 -19.03
CA LYS A 127 16.21 17.46 -18.62
C LYS A 127 16.42 16.88 -17.22
N LEU A 128 15.39 16.20 -16.75
CA LEU A 128 15.44 15.48 -15.48
C LEU A 128 15.00 14.05 -15.74
N PRO A 129 15.94 13.20 -16.20
CA PRO A 129 15.58 11.81 -16.42
C PRO A 129 15.24 11.18 -15.07
N PHE A 130 14.17 10.40 -15.03
CA PHE A 130 13.75 9.80 -13.79
C PHE A 130 13.16 8.41 -14.02
N CYS A 131 13.06 7.66 -12.92
CA CYS A 131 12.34 6.40 -12.90
C CYS A 131 11.56 6.37 -11.60
N ALA A 132 10.28 6.01 -11.67
CA ALA A 132 9.48 5.81 -10.47
C ALA A 132 8.81 4.46 -10.59
N MET A 133 8.71 3.71 -9.50
CA MET A 133 8.05 2.43 -9.53
C MET A 133 7.45 2.14 -8.18
N GLY A 134 6.42 1.31 -8.16
CA GLY A 134 5.88 0.87 -6.91
C GLY A 134 4.82 -0.20 -7.06
N VAL A 135 4.50 -0.79 -5.92
CA VAL A 135 3.39 -1.69 -5.76
C VAL A 135 2.38 -1.01 -4.85
N SER A 136 1.11 -1.28 -5.08
N SER A 136 1.10 -1.17 -5.19
CA SER A 136 0.07 -0.72 -4.25
CA SER A 136 -0.04 -0.59 -4.44
C SER A 136 -1.12 -1.64 -4.32
C SER A 136 -1.08 -1.71 -4.31
N SER A 137 -1.81 -1.78 -3.20
CA SER A 137 -2.85 -2.79 -3.05
C SER A 137 -3.86 -2.35 -2.03
N VAL A 138 -5.14 -2.64 -2.32
CA VAL A 138 -6.22 -2.54 -1.37
C VAL A 138 -7.02 -3.82 -1.45
N ILE A 139 -7.31 -4.43 -0.29
CA ILE A 139 -8.01 -5.72 -0.19
C ILE A 139 -9.17 -5.55 0.77
N HIS A 140 -10.40 -5.79 0.28
CA HIS A 140 -11.63 -5.63 1.06
C HIS A 140 -12.34 -6.98 1.21
N PRO A 141 -12.22 -7.61 2.39
CA PRO A 141 -13.02 -8.81 2.63
C PRO A 141 -14.53 -8.57 2.66
N LYS A 142 -15.25 -9.63 2.33
CA LYS A 142 -16.70 -9.68 2.38
C LYS A 142 -17.23 -9.69 3.83
N ASN A 143 -16.62 -10.50 4.67
CA ASN A 143 -17.06 -10.66 6.05
C ASN A 143 -16.77 -9.42 6.89
N PRO A 144 -17.79 -8.85 7.58
CA PRO A 144 -17.55 -7.71 8.46
C PRO A 144 -16.37 -7.89 9.41
N HIS A 145 -16.12 -9.12 9.86
CA HIS A 145 -15.06 -9.37 10.83
C HIS A 145 -13.68 -9.56 10.27
N ALA A 146 -13.55 -9.57 8.94
CA ALA A 146 -12.25 -9.68 8.29
C ALA A 146 -11.88 -8.29 7.76
N PRO A 147 -10.76 -7.74 8.25
CA PRO A 147 -10.46 -6.34 7.97
C PRO A 147 -9.92 -6.04 6.57
N THR A 148 -10.13 -4.81 6.13
CA THR A 148 -9.51 -4.25 4.93
C THR A 148 -8.04 -3.92 5.22
N ILE A 149 -7.18 -4.16 4.24
CA ILE A 149 -5.79 -3.71 4.27
C ILE A 149 -5.46 -2.87 3.04
N HIS A 150 -4.53 -1.94 3.23
CA HIS A 150 -3.89 -1.16 2.18
C HIS A 150 -2.38 -1.23 2.41
N PHE A 151 -1.63 -1.40 1.33
CA PHE A 151 -0.19 -1.24 1.41
C PHE A 151 0.35 -0.67 0.11
N ASN A 152 1.55 -0.10 0.21
CA ASN A 152 2.22 0.43 -0.94
C ASN A 152 3.70 0.51 -0.61
N TYR A 153 4.55 0.25 -1.61
CA TYR A 153 5.98 0.41 -1.48
C TYR A 153 6.50 0.93 -2.80
N ARG A 154 7.31 1.98 -2.76
N ARG A 154 7.28 2.00 -2.76
CA ARG A 154 7.74 2.65 -3.99
CA ARG A 154 7.70 2.71 -3.97
C ARG A 154 9.14 3.25 -3.87
C ARG A 154 9.12 3.28 -3.86
N TYR A 155 9.70 3.54 -5.04
CA TYR A 155 11.04 4.07 -5.17
C TYR A 155 11.04 5.06 -6.33
N PHE A 156 11.80 6.13 -6.17
CA PHE A 156 11.97 7.18 -7.14
C PHE A 156 13.44 7.56 -7.26
N GLU A 157 13.92 7.76 -8.48
CA GLU A 157 15.23 8.36 -8.67
C GLU A 157 15.17 9.34 -9.81
N VAL A 158 15.96 10.41 -9.70
CA VAL A 158 16.06 11.37 -10.77
C VAL A 158 17.52 11.69 -10.97
N GLU A 159 17.94 11.75 -12.22
CA GLU A 159 19.32 12.06 -12.55
C GLU A 159 19.46 13.57 -12.65
N GLU A 160 20.46 14.10 -11.95
CA GLU A 160 20.73 15.54 -11.92
C GLU A 160 22.03 15.85 -12.63
N ALA A 161 22.42 17.13 -12.60
CA ALA A 161 23.75 17.59 -13.02
C ALA A 161 24.84 16.77 -12.32
N ASP A 162 25.98 16.61 -12.99
N ASP A 162 25.98 16.63 -13.00
CA ASP A 162 27.02 15.68 -12.55
CA ASP A 162 27.02 15.66 -12.63
C ASP A 162 26.43 14.25 -12.57
C ASP A 162 26.44 14.24 -12.61
N GLY A 163 27.22 13.27 -12.15
CA GLY A 163 26.69 11.92 -11.92
C GLY A 163 25.81 11.81 -10.68
N ASN A 164 25.22 12.92 -10.23
CA ASN A 164 24.42 12.94 -9.01
C ASN A 164 22.99 12.52 -9.28
N LYS A 165 22.48 11.78 -8.31
CA LYS A 165 21.16 11.21 -8.38
C LYS A 165 20.47 11.59 -7.08
N GLN A 166 19.18 11.88 -7.18
CA GLN A 166 18.37 12.09 -6.01
C GLN A 166 17.39 10.94 -6.02
N TRP A 167 17.20 10.33 -4.87
CA TRP A 167 16.35 9.14 -4.78
C TRP A 167 15.63 9.13 -3.45
N TRP A 168 14.51 8.42 -3.41
CA TRP A 168 13.83 8.19 -2.14
C TRP A 168 12.85 7.07 -2.28
N PHE A 169 12.54 6.49 -1.13
CA PHE A 169 11.52 5.47 -1.04
C PHE A 169 10.33 6.00 -0.23
N GLY A 170 9.19 5.34 -0.44
CA GLY A 170 8.01 5.60 0.36
C GLY A 170 7.21 4.33 0.47
N GLY A 171 6.34 4.29 1.45
CA GLY A 171 5.47 3.16 1.58
C GLY A 171 4.70 3.10 2.86
N GLY A 172 4.05 1.98 3.06
CA GLY A 172 3.24 1.82 4.24
C GLY A 172 2.32 0.64 4.13
N CYS A 173 1.70 0.32 5.26
CA CYS A 173 0.83 -0.83 5.38
C CYS A 173 -0.09 -0.53 6.54
N ASP A 174 -1.40 -0.53 6.29
CA ASP A 174 -2.37 -0.07 7.29
C ASP A 174 -3.65 -0.87 7.24
N LEU A 175 -4.29 -1.01 8.40
CA LEU A 175 -5.45 -1.87 8.55
C LEU A 175 -6.72 -1.04 8.85
N THR A 176 -7.83 -1.41 8.21
CA THR A 176 -9.11 -0.75 8.39
C THR A 176 -10.15 -1.79 8.84
N PRO A 177 -10.23 -2.02 10.15
CA PRO A 177 -11.22 -2.98 10.63
C PRO A 177 -12.61 -2.36 10.70
N THR A 178 -13.61 -3.20 10.56
CA THR A 178 -15.00 -2.80 10.75
C THR A 178 -15.27 -2.55 12.23
N TYR A 179 -14.99 -3.55 13.05
CA TYR A 179 -14.98 -3.41 14.50
C TYR A 179 -13.58 -3.68 15.00
N LEU A 180 -13.25 -3.18 16.17
CA LEU A 180 -11.96 -3.45 16.75
C LEU A 180 -11.90 -4.88 17.25
N ASN A 181 -10.82 -5.57 16.94
CA ASN A 181 -10.47 -6.86 17.53
C ASN A 181 -9.05 -6.68 18.06
N GLN A 182 -8.88 -6.84 19.37
N GLN A 182 -8.87 -6.81 19.38
CA GLN A 182 -7.59 -6.56 20.01
CA GLN A 182 -7.57 -6.51 19.97
C GLN A 182 -6.49 -7.49 19.51
C GLN A 182 -6.47 -7.49 19.54
N GLU A 183 -6.78 -8.78 19.44
CA GLU A 183 -5.81 -9.74 18.95
C GLU A 183 -5.37 -9.42 17.55
N ASP A 184 -6.32 -9.09 16.67
CA ASP A 184 -5.99 -8.76 15.29
C ASP A 184 -5.06 -7.55 15.26
N ALA A 185 -5.44 -6.52 16.00
CA ALA A 185 -4.66 -5.25 16.00
C ALA A 185 -3.23 -5.50 16.46
N VAL A 186 -3.08 -6.26 17.54
CA VAL A 186 -1.76 -6.58 18.04
C VAL A 186 -0.97 -7.41 16.99
N HIS A 187 -1.60 -8.44 16.43
CA HIS A 187 -0.91 -9.27 15.46
C HIS A 187 -0.36 -8.44 14.30
N PHE A 188 -1.19 -7.58 13.77
CA PHE A 188 -0.84 -6.76 12.64
C PHE A 188 0.32 -5.86 12.98
N HIS A 189 0.16 -5.09 14.06
CA HIS A 189 1.21 -4.14 14.46
C HIS A 189 2.50 -4.82 14.86
N ARG A 190 2.39 -5.93 15.58
CA ARG A 190 3.57 -6.68 15.99
C ARG A 190 4.39 -7.13 14.79
N THR A 191 3.70 -7.62 13.76
CA THR A 191 4.35 -8.07 12.55
C THR A 191 5.11 -6.91 11.90
N LEU A 192 4.46 -5.76 11.81
CA LEU A 192 5.14 -4.58 11.23
C LEU A 192 6.32 -4.12 12.08
N LYS A 193 6.13 -4.08 13.39
CA LYS A 193 7.19 -3.63 14.29
C LYS A 193 8.38 -4.54 14.19
N GLU A 194 8.16 -5.84 14.12
CA GLU A 194 9.29 -6.79 14.03
C GLU A 194 10.08 -6.55 12.75
N ALA A 195 9.38 -6.25 11.66
CA ALA A 195 10.03 -5.96 10.39
C ALA A 195 10.88 -4.69 10.48
N CYS A 196 10.31 -3.62 11.03
CA CYS A 196 11.00 -2.35 11.20
C CYS A 196 12.18 -2.47 12.15
N ASP A 197 11.98 -3.19 13.26
CA ASP A 197 12.98 -3.22 14.33
C ASP A 197 14.29 -3.79 13.87
N GLN A 198 14.23 -4.70 12.90
N GLN A 198 14.26 -4.69 12.89
CA GLN A 198 15.41 -5.30 12.28
CA GLN A 198 15.49 -5.27 12.34
C GLN A 198 16.38 -4.25 11.72
C GLN A 198 16.42 -4.21 11.76
N HIS A 199 15.86 -3.07 11.41
CA HIS A 199 16.59 -1.97 10.77
C HIS A 199 16.86 -0.76 11.65
N GLY A 200 16.38 -0.80 12.89
CA GLY A 200 16.62 0.25 13.87
C GLY A 200 15.39 0.44 14.74
N PRO A 201 15.58 0.74 16.03
CA PRO A 201 14.48 0.77 16.97
C PRO A 201 13.56 1.98 16.87
N ASP A 202 13.95 3.01 16.14
CA ASP A 202 13.12 4.22 16.07
C ASP A 202 12.19 4.30 14.86
N LEU A 203 12.32 3.34 13.96
CA LEU A 203 11.57 3.34 12.73
C LEU A 203 10.09 3.06 13.01
N TYR A 204 9.77 1.98 13.71
CA TYR A 204 8.36 1.68 13.93
C TYR A 204 7.66 2.81 14.70
N PRO A 205 8.22 3.28 15.84
CA PRO A 205 7.47 4.31 16.52
C PRO A 205 7.22 5.57 15.70
N LYS A 206 8.20 5.97 14.90
CA LYS A 206 8.04 7.13 14.02
C LYS A 206 7.00 6.86 12.97
N PHE A 207 7.09 5.73 12.29
CA PHE A 207 6.20 5.45 11.18
C PHE A 207 4.77 5.05 11.61
N LYS A 208 4.67 4.49 12.82
CA LYS A 208 3.37 4.23 13.40
C LYS A 208 2.64 5.54 13.66
N LYS A 209 3.33 6.49 14.27
CA LYS A 209 2.73 7.81 14.53
C LYS A 209 2.39 8.48 13.20
N TRP A 210 3.27 8.37 12.21
CA TRP A 210 3.04 9.02 10.90
C TRP A 210 1.77 8.47 10.29
N CYS A 211 1.58 7.16 10.39
CA CYS A 211 0.38 6.51 9.86
C CYS A 211 -0.88 6.98 10.56
N ASP A 212 -0.83 7.13 11.89
CA ASP A 212 -1.97 7.64 12.66
C ASP A 212 -2.32 9.05 12.18
N ASP A 213 -1.29 9.84 11.90
CA ASP A 213 -1.51 11.26 11.52
C ASP A 213 -2.00 11.40 10.07
N TYR A 214 -1.49 10.56 9.19
CA TYR A 214 -1.77 10.71 7.77
C TYR A 214 -3.21 10.36 7.35
N PHE A 215 -3.73 9.23 7.82
CA PHE A 215 -5.07 8.80 7.44
C PHE A 215 -6.16 9.38 8.33
N PHE A 216 -6.06 10.67 8.59
CA PHE A 216 -6.99 11.39 9.44
C PHE A 216 -8.07 11.99 8.54
N ILE A 217 -9.31 11.55 8.77
CA ILE A 217 -10.50 12.11 8.12
C ILE A 217 -10.94 13.32 8.97
N ALA A 218 -10.33 14.46 8.68
CA ALA A 218 -10.25 15.58 9.63
C ALA A 218 -11.58 16.07 10.23
N HIS A 219 -12.60 16.15 9.41
CA HIS A 219 -13.86 16.73 9.85
C HIS A 219 -14.63 15.88 10.90
N ARG A 220 -14.37 14.57 10.89
CA ARG A 220 -14.94 13.65 11.87
C ARG A 220 -14.02 13.45 13.03
N GLY A 221 -12.79 13.93 12.89
CA GLY A 221 -11.82 13.74 13.90
C GLY A 221 -11.56 12.25 14.03
N GLU A 222 -11.69 11.50 12.93
CA GLU A 222 -11.37 10.10 13.03
C GLU A 222 -10.41 9.63 11.96
N ARG A 223 -9.56 8.68 12.33
CA ARG A 223 -8.69 8.02 11.39
C ARG A 223 -9.47 7.01 10.56
N ARG A 224 -8.93 6.66 9.40
CA ARG A 224 -9.54 5.68 8.52
C ARG A 224 -9.65 4.32 9.20
N GLY A 225 -8.59 3.94 9.90
CA GLY A 225 -8.54 2.65 10.58
C GLY A 225 -7.61 2.68 11.77
N ILE A 226 -6.93 1.57 12.03
CA ILE A 226 -6.05 1.48 13.20
C ILE A 226 -4.57 1.66 12.85
N GLY A 227 -4.31 2.18 11.66
CA GLY A 227 -2.95 2.52 11.29
C GLY A 227 -2.11 1.33 10.94
N GLY A 228 -0.84 1.44 11.26
CA GLY A 228 0.20 0.51 10.85
C GLY A 228 1.46 1.31 10.74
N ILE A 229 2.06 1.33 9.55
CA ILE A 229 3.21 2.22 9.27
C ILE A 229 3.02 3.02 8.00
N PHE A 230 3.64 4.21 8.00
CA PHE A 230 3.64 5.11 6.85
C PHE A 230 4.96 5.82 6.85
N PHE A 231 5.58 5.87 5.69
CA PHE A 231 6.82 6.65 5.52
C PHE A 231 6.90 7.22 4.11
N ASP A 232 7.62 8.32 4.00
CA ASP A 232 7.76 9.02 2.76
C ASP A 232 9.13 9.70 2.77
N ASP A 233 9.64 10.04 1.59
N ASP A 233 9.62 9.99 1.57
CA ASP A 233 10.90 10.78 1.45
CA ASP A 233 10.85 10.73 1.39
C ASP A 233 12.07 10.13 2.16
C ASP A 233 11.99 10.13 2.21
N LEU A 234 12.07 8.79 2.19
CA LEU A 234 13.06 8.08 2.96
C LEU A 234 14.31 7.94 2.10
N ASP A 235 15.36 8.67 2.47
CA ASP A 235 16.54 8.79 1.64
C ASP A 235 17.86 8.70 2.42
N SER A 236 17.78 8.08 3.58
CA SER A 236 18.95 7.90 4.42
C SER A 236 18.68 6.66 5.25
N PRO A 237 19.73 5.97 5.69
CA PRO A 237 21.16 6.24 5.62
C PRO A 237 21.92 5.94 4.33
N SER A 238 21.47 4.96 3.57
CA SER A 238 22.07 4.60 2.29
C SER A 238 21.01 3.89 1.47
N LYS A 239 21.20 3.84 0.16
CA LYS A 239 20.18 3.28 -0.73
C LYS A 239 19.97 1.81 -0.43
N GLU A 240 21.08 1.07 -0.26
CA GLU A 240 20.98 -0.35 0.02
C GLU A 240 20.31 -0.60 1.37
N GLU A 241 20.63 0.19 2.39
CA GLU A 241 20.02 0.01 3.69
C GLU A 241 18.53 0.30 3.66
N VAL A 242 18.11 1.35 2.95
CA VAL A 242 16.70 1.67 2.88
C VAL A 242 15.98 0.58 2.08
N PHE A 243 16.56 0.14 0.98
CA PHE A 243 15.97 -1.00 0.25
C PHE A 243 15.76 -2.21 1.13
N ARG A 244 16.76 -2.58 1.92
CA ARG A 244 16.58 -3.75 2.77
C ARG A 244 15.44 -3.59 3.77
N PHE A 245 15.28 -2.37 4.27
CA PHE A 245 14.14 -2.05 5.14
C PHE A 245 12.82 -2.20 4.42
N VAL A 246 12.72 -1.61 3.23
CA VAL A 246 11.50 -1.68 2.42
C VAL A 246 11.19 -3.14 2.07
N GLN A 247 12.23 -3.90 1.76
CA GLN A 247 12.09 -5.33 1.48
C GLN A 247 11.50 -6.07 2.68
N SER A 248 12.01 -5.80 3.89
CA SER A 248 11.42 -6.40 5.09
C SER A 248 9.95 -6.03 5.27
N CYS A 249 9.61 -4.76 4.99
CA CYS A 249 8.23 -4.33 5.11
C CYS A 249 7.36 -5.04 4.08
N ALA A 250 7.82 -5.11 2.83
CA ALA A 250 7.04 -5.75 1.78
C ALA A 250 6.81 -7.23 2.13
N ARG A 251 7.84 -7.87 2.67
CA ARG A 251 7.72 -9.29 3.06
C ARG A 251 6.83 -9.55 4.27
N ALA A 252 6.52 -8.51 5.05
CA ALA A 252 5.64 -8.60 6.19
C ALA A 252 4.16 -8.54 5.85
N VAL A 253 3.80 -8.17 4.62
CA VAL A 253 2.38 -7.99 4.31
C VAL A 253 1.61 -9.28 4.52
N VAL A 254 2.04 -10.36 3.87
CA VAL A 254 1.29 -11.61 3.96
C VAL A 254 1.16 -12.12 5.41
N PRO A 255 2.30 -12.24 6.14
CA PRO A 255 2.15 -12.67 7.54
C PRO A 255 1.38 -11.73 8.45
N SER A 256 1.37 -10.45 8.14
CA SER A 256 0.62 -9.51 8.94
C SER A 256 -0.89 -9.66 8.80
N TYR A 257 -1.34 -10.21 7.67
CA TYR A 257 -2.71 -10.04 7.20
C TYR A 257 -3.46 -11.32 6.90
N ILE A 258 -2.84 -12.19 6.12
CA ILE A 258 -3.55 -13.39 5.69
C ILE A 258 -4.06 -14.22 6.89
N PRO A 259 -3.23 -14.36 7.94
CA PRO A 259 -3.80 -15.04 9.11
C PRO A 259 -5.08 -14.45 9.72
N LEU A 260 -5.28 -13.14 9.62
CA LEU A 260 -6.46 -12.47 10.13
C LEU A 260 -7.65 -12.84 9.27
N VAL A 261 -7.45 -12.87 7.96
CA VAL A 261 -8.53 -13.21 7.04
C VAL A 261 -8.94 -14.66 7.22
N LYS A 262 -7.95 -15.53 7.28
CA LYS A 262 -8.22 -16.97 7.50
C LYS A 262 -8.97 -17.22 8.80
N LYS A 263 -8.63 -16.49 9.86
CA LYS A 263 -9.29 -16.61 11.15
C LYS A 263 -10.74 -16.13 11.15
N HIS A 264 -11.06 -15.09 10.36
CA HIS A 264 -12.34 -14.41 10.49
C HIS A 264 -13.29 -14.52 9.31
N CYS A 265 -12.83 -15.08 8.21
CA CYS A 265 -13.62 -15.07 6.97
C CYS A 265 -14.91 -15.85 7.10
N ASP A 266 -14.94 -16.81 8.02
N ASP A 266 -14.94 -16.81 8.02
CA ASP A 266 -16.15 -17.61 8.29
CA ASP A 266 -16.14 -17.59 8.29
C ASP A 266 -16.95 -17.17 9.52
C ASP A 266 -16.76 -17.30 9.66
N ASP A 267 -16.51 -16.11 10.22
CA ASP A 267 -17.22 -15.65 11.42
C ASP A 267 -18.69 -15.37 11.11
N SER A 268 -19.59 -15.76 12.00
CA SER A 268 -20.99 -15.36 11.85
C SER A 268 -21.09 -13.85 12.02
N PHE A 269 -22.04 -13.25 11.31
CA PHE A 269 -22.34 -11.85 11.51
C PHE A 269 -23.82 -11.56 11.34
N THR A 270 -24.27 -10.50 12.00
CA THR A 270 -25.64 -10.05 11.92
C THR A 270 -25.81 -9.05 10.77
N PRO A 271 -27.04 -8.90 10.27
CA PRO A 271 -27.32 -7.81 9.32
C PRO A 271 -26.87 -6.42 9.81
N GLN A 272 -26.92 -6.20 11.11
CA GLN A 272 -26.47 -4.94 11.71
C GLN A 272 -24.95 -4.76 11.61
N GLU A 273 -24.22 -5.85 11.84
CA GLU A 273 -22.76 -5.83 11.65
C GLU A 273 -22.38 -5.62 10.18
N LYS A 274 -23.18 -6.17 9.27
CA LYS A 274 -22.96 -5.95 7.84
C LYS A 274 -23.22 -4.48 7.49
N LEU A 275 -24.29 -3.94 8.04
N LEU A 275 -24.29 -3.90 8.02
CA LEU A 275 -24.63 -2.52 7.88
CA LEU A 275 -24.59 -2.48 7.79
C LEU A 275 -23.47 -1.64 8.35
C LEU A 275 -23.46 -1.59 8.35
N TRP A 276 -22.93 -1.94 9.51
CA TRP A 276 -21.80 -1.18 10.09
C TRP A 276 -20.58 -1.30 9.18
N GLN A 277 -20.31 -2.50 8.68
CA GLN A 277 -19.25 -2.68 7.69
C GLN A 277 -19.43 -1.72 6.51
N GLN A 278 -20.64 -1.64 6.01
CA GLN A 278 -20.93 -0.77 4.87
C GLN A 278 -20.67 0.69 5.20
N LEU A 279 -21.01 1.13 6.40
CA LEU A 279 -20.71 2.48 6.83
C LEU A 279 -19.18 2.71 6.96
N ARG A 280 -18.48 1.71 7.49
CA ARG A 280 -17.02 1.79 7.58
C ARG A 280 -16.34 1.83 6.19
N ARG A 281 -16.93 1.12 5.23
CA ARG A 281 -16.44 1.14 3.85
C ARG A 281 -16.70 2.52 3.20
N GLY A 282 -17.82 3.13 3.56
CA GLY A 282 -18.08 4.50 3.12
C GLY A 282 -17.05 5.48 3.67
N ARG A 283 -16.63 5.29 4.92
CA ARG A 283 -15.53 6.11 5.49
C ARG A 283 -14.24 5.94 4.71
N TYR A 284 -13.92 4.70 4.34
CA TYR A 284 -12.73 4.42 3.56
C TYR A 284 -12.75 5.27 2.28
N VAL A 285 -13.88 5.25 1.59
CA VAL A 285 -14.04 5.99 0.34
C VAL A 285 -13.92 7.50 0.58
N GLU A 286 -14.53 7.95 1.68
CA GLU A 286 -14.57 9.37 2.05
C GLU A 286 -13.19 9.96 2.28
N PHE A 287 -12.23 9.15 2.74
CA PHE A 287 -10.87 9.67 2.88
C PHE A 287 -10.34 10.19 1.56
N ASN A 288 -10.64 9.51 0.45
CA ASN A 288 -10.24 9.95 -0.85
C ASN A 288 -11.07 11.14 -1.25
N LEU A 289 -12.39 11.01 -1.10
CA LEU A 289 -13.34 12.05 -1.54
C LEU A 289 -12.99 13.44 -1.02
N LEU A 290 -12.62 13.49 0.25
N LEU A 290 -12.58 13.51 0.23
CA LEU A 290 -12.34 14.74 0.92
CA LEU A 290 -12.35 14.78 0.90
C LEU A 290 -10.86 15.09 0.86
C LEU A 290 -10.87 15.13 1.12
N TYR A 291 -10.00 14.14 1.16
CA TYR A 291 -8.59 14.43 1.52
C TYR A 291 -7.51 13.87 0.61
N ASP A 292 -7.89 13.05 -0.36
CA ASP A 292 -6.93 12.38 -1.23
C ASP A 292 -7.62 12.04 -2.56
N ARG A 293 -7.91 13.09 -3.33
CA ARG A 293 -8.78 12.99 -4.52
C ARG A 293 -8.09 12.60 -5.79
N GLY A 294 -6.77 12.65 -5.79
CA GLY A 294 -6.05 12.35 -6.99
C GLY A 294 -4.95 13.35 -7.21
N THR A 295 -3.74 12.84 -7.38
CA THR A 295 -2.63 13.64 -7.88
C THR A 295 -1.89 12.84 -8.93
N LYS A 296 -1.58 13.52 -10.05
CA LYS A 296 -0.90 12.91 -11.18
C LYS A 296 0.52 12.46 -10.81
N PHE A 297 1.06 13.04 -9.74
CA PHE A 297 2.44 12.74 -9.31
C PHE A 297 2.48 11.79 -8.12
N GLY A 298 1.36 11.12 -7.86
CA GLY A 298 1.20 10.25 -6.69
C GLY A 298 2.13 9.05 -6.62
N LEU A 299 2.70 8.64 -7.75
CA LEU A 299 3.64 7.50 -7.76
C LEU A 299 4.95 7.83 -7.05
N PHE A 300 5.22 9.10 -6.77
CA PHE A 300 6.47 9.44 -6.05
C PHE A 300 6.30 10.51 -4.95
N THR A 301 5.07 10.68 -4.46
CA THR A 301 4.80 11.60 -3.36
C THR A 301 3.56 11.11 -2.61
N PRO A 302 3.33 11.58 -1.37
CA PRO A 302 2.05 11.22 -0.76
C PRO A 302 0.89 11.75 -1.58
N GLY A 303 -0.20 11.00 -1.59
CA GLY A 303 -1.33 11.31 -2.46
C GLY A 303 -1.41 10.22 -3.51
N SER A 304 -2.64 9.81 -3.81
CA SER A 304 -2.92 8.73 -4.75
C SER A 304 -3.17 9.24 -6.17
N ARG A 305 -2.69 8.50 -7.17
CA ARG A 305 -3.15 8.69 -8.56
C ARG A 305 -4.59 8.19 -8.72
N ILE A 306 -5.30 8.71 -9.72
CA ILE A 306 -6.68 8.30 -10.03
C ILE A 306 -6.80 6.76 -10.15
N GLU A 307 -5.83 6.16 -10.81
CA GLU A 307 -5.88 4.72 -11.03
C GLU A 307 -5.88 4.01 -9.70
N SER A 308 -5.09 4.52 -8.75
N SER A 308 -5.13 4.51 -8.73
CA SER A 308 -4.99 3.90 -7.44
CA SER A 308 -5.03 3.83 -7.44
C SER A 308 -6.30 4.05 -6.68
C SER A 308 -6.23 4.11 -6.54
N ILE A 309 -6.86 5.27 -6.71
CA ILE A 309 -8.14 5.57 -6.05
C ILE A 309 -9.21 4.63 -6.58
N LEU A 310 -9.26 4.43 -7.88
CA LEU A 310 -10.27 3.53 -8.42
C LEU A 310 -10.07 2.10 -7.93
N MET A 311 -8.82 1.68 -7.86
CA MET A 311 -8.52 0.29 -7.54
C MET A 311 -8.92 0.03 -6.09
N SER A 312 -8.86 1.06 -5.27
CA SER A 312 -9.20 1.00 -3.86
C SER A 312 -10.68 0.94 -3.46
N LEU A 313 -11.55 1.27 -4.39
CA LEU A 313 -12.94 1.33 -4.03
C LEU A 313 -13.44 -0.09 -3.68
N PRO A 314 -14.31 -0.20 -2.66
CA PRO A 314 -14.89 -1.51 -2.31
C PRO A 314 -15.96 -1.88 -3.31
N LEU A 315 -16.55 -3.06 -3.15
CA LEU A 315 -17.66 -3.46 -4.00
C LEU A 315 -18.89 -2.61 -3.66
N THR A 316 -19.15 -2.38 -2.38
CA THR A 316 -20.27 -1.58 -1.94
C THR A 316 -19.90 -0.76 -0.72
N ALA A 317 -20.67 0.30 -0.51
CA ALA A 317 -20.51 1.19 0.63
C ALA A 317 -21.83 1.84 0.97
N ARG A 318 -21.89 2.39 2.17
CA ARG A 318 -23.08 3.08 2.66
C ARG A 318 -22.67 4.40 3.32
N TRP A 319 -23.54 5.41 3.24
CA TRP A 319 -23.33 6.68 3.92
C TRP A 319 -24.64 7.09 4.57
N GLU A 320 -24.61 7.33 5.88
CA GLU A 320 -25.84 7.65 6.60
C GLU A 320 -25.51 8.24 7.97
N TYR A 321 -26.20 9.35 8.27
CA TYR A 321 -25.97 10.10 9.51
C TYR A 321 -26.53 9.27 10.66
N MET A 322 -25.69 9.09 11.66
CA MET A 322 -25.87 8.00 12.59
C MET A 322 -26.01 8.53 14.01
N HIS A 323 -27.11 8.16 14.65
CA HIS A 323 -27.26 8.18 16.10
C HIS A 323 -26.01 7.65 16.81
N SER A 324 -25.51 8.41 17.79
CA SER A 324 -24.40 7.92 18.62
C SER A 324 -24.73 6.52 19.14
N PRO A 325 -23.80 5.57 18.97
CA PRO A 325 -24.05 4.21 19.41
C PRO A 325 -23.98 4.07 20.92
N SER A 326 -24.54 2.98 21.44
CA SER A 326 -24.52 2.68 22.87
C SER A 326 -23.10 2.83 23.43
N GLU A 327 -23.03 3.44 24.61
CA GLU A 327 -21.76 3.82 25.27
C GLU A 327 -20.73 2.67 25.42
N ASN A 328 -21.19 1.44 25.60
CA ASN A 328 -20.27 0.29 25.69
C ASN A 328 -20.40 -0.72 24.53
N SER A 329 -20.90 -0.23 23.40
N SER A 329 -20.92 -0.25 23.40
CA SER A 329 -21.07 -1.04 22.21
CA SER A 329 -21.07 -1.07 22.21
C SER A 329 -19.74 -1.17 21.48
C SER A 329 -19.74 -1.18 21.49
N LYS A 330 -19.67 -2.17 20.60
CA LYS A 330 -18.50 -2.34 19.72
C LYS A 330 -18.40 -1.21 18.70
N GLU A 331 -19.54 -0.68 18.27
CA GLU A 331 -19.53 0.52 17.42
C GLU A 331 -18.88 1.71 18.12
N ALA A 332 -19.25 1.95 19.38
CA ALA A 332 -18.67 3.05 20.14
C ALA A 332 -17.16 2.87 20.33
N GLU A 333 -16.77 1.63 20.54
CA GLU A 333 -15.38 1.30 20.82
C GLU A 333 -14.49 1.61 19.63
N ILE A 334 -14.92 1.17 18.45
CA ILE A 334 -14.12 1.47 17.26
C ILE A 334 -14.10 2.97 16.99
N LEU A 335 -15.24 3.67 17.16
CA LEU A 335 -15.19 5.10 16.94
C LEU A 335 -14.18 5.79 17.85
N GLU A 336 -14.14 5.36 19.11
CA GLU A 336 -13.23 5.95 20.10
C GLU A 336 -11.77 5.77 19.69
N VAL A 337 -11.42 4.58 19.23
N VAL A 337 -11.43 4.59 19.21
CA VAL A 337 -10.04 4.31 18.81
CA VAL A 337 -10.05 4.30 18.80
C VAL A 337 -9.68 5.00 17.48
C VAL A 337 -9.69 5.01 17.49
N LEU A 338 -10.67 5.20 16.61
CA LEU A 338 -10.43 5.98 15.40
C LEU A 338 -10.17 7.45 15.74
N ARG A 339 -10.81 7.94 16.81
CA ARG A 339 -10.60 9.31 17.27
C ARG A 339 -9.34 9.47 18.10
N HIS A 340 -8.99 8.44 18.86
CA HIS A 340 -7.87 8.46 19.80
C HIS A 340 -7.08 7.17 19.63
N PRO A 341 -6.17 7.15 18.64
CA PRO A 341 -5.39 5.94 18.40
C PRO A 341 -4.63 5.46 19.61
N ARG A 342 -4.49 4.14 19.71
CA ARG A 342 -3.80 3.51 20.83
C ARG A 342 -2.51 2.85 20.37
N ASP A 343 -1.59 2.65 21.32
CA ASP A 343 -0.47 1.73 21.12
C ASP A 343 -1.01 0.31 21.04
N TRP A 344 -0.38 -0.50 20.19
CA TRP A 344 -0.72 -1.90 20.04
C TRP A 344 0.42 -2.86 20.40
N VAL A 345 1.65 -2.37 20.33
CA VAL A 345 2.81 -3.19 20.67
C VAL A 345 3.89 -2.26 21.18
N ARG A 346 4.62 -2.71 22.20
CA ARG A 346 5.77 -1.97 22.70
C ARG A 346 6.98 -2.85 22.81
#